data_6TP0
#
_entry.id   6TP0
#
_cell.length_a   82.960
_cell.length_b   82.960
_cell.length_c   187.350
_cell.angle_alpha   90.000
_cell.angle_beta   90.000
_cell.angle_gamma   90.000
#
_symmetry.space_group_name_H-M   'P 43 21 2'
#
loop_
_entity.id
_entity.type
_entity.pdbx_description
1 polymer Amylase
2 branched alpha-D-glucopyranose-(1-4)-alpha-D-glucopyranose
3 non-polymer 'CALCIUM ION'
4 non-polymer 'SODIUM ION'
5 non-polymer 'MALONATE ION'
6 non-polymer 'ACETIC ACID'
7 water water
#
_entity_poly.entity_id   1
_entity_poly.type   'polypeptide(L)'
_entity_poly.pdbx_seq_one_letter_code
;ASLNGTLMQYFEWYMPNDGQHWKRLQNDSAYLAEHGITAVWIPPAYKGTSQDDVGYGAYDLYDLGEFHQKGTVRTKYGTK
GELQSAINSLHSRDINVYGDVVINHKGGADATEYVTAVEVDPADRNRVTSGEQRIKAWTHFQFPGRGSTYSDFKWYWYHF
DGTDWDESRKLNRIYKFQGKAWDWEVSNENGNYDYLMYADIDYDHPDVTAEIKRWGTWYANELQLDGFRLDAVKHIKFSF
LRDWVNHVREKTGKEMFTVAEYWQNDLGALENYLNKTNFNHSVFDVPLHYQFHAASTQGGGYDMRKLLNGTVVSKHPVKA
VTFVDNHDTQPGQSLESTVQTWFKPLAYAFILTREAGYPQIFYGDMYGTKGASQREIPALKHKIEPILKARKQYAYGAQH
DYFDHHNIVGWTREGDSSVANSGLAALITDGPGGTKRMYVGRQNAGETWHDITGNRSDSVVINAEGWGEFHVNGGSVSIY
VQR
;
_entity_poly.pdbx_strand_id   A
#
# COMPACT_ATOMS: atom_id res chain seq x y z
N LEU A 3 -16.82 9.76 -9.43
CA LEU A 3 -16.97 8.44 -10.08
C LEU A 3 -15.62 7.68 -10.14
N ASN A 4 -14.51 8.35 -10.43
CA ASN A 4 -13.16 7.71 -10.37
C ASN A 4 -12.83 7.41 -8.90
N GLY A 5 -12.33 6.21 -8.63
CA GLY A 5 -11.95 5.84 -7.26
C GLY A 5 -10.52 6.25 -6.96
N THR A 6 -10.30 6.77 -5.74
CA THR A 6 -8.96 7.19 -5.31
C THR A 6 -8.73 6.73 -3.87
N LEU A 7 -7.65 6.00 -3.69
CA LEU A 7 -7.29 5.43 -2.42
C LEU A 7 -6.39 6.41 -1.73
N MET A 8 -6.40 6.39 -0.40
CA MET A 8 -5.31 7.05 0.35
C MET A 8 -4.75 6.16 1.46
N GLN A 9 -3.43 6.00 1.47
CA GLN A 9 -2.76 5.33 2.56
C GLN A 9 -2.70 6.33 3.70
N TYR A 10 -3.46 6.11 4.76
CA TYR A 10 -3.61 7.13 5.80
C TYR A 10 -2.68 6.92 7.00
N PHE A 11 -1.39 6.94 6.69
CA PHE A 11 -0.30 6.98 7.69
C PHE A 11 1.05 7.05 7.00
N GLU A 12 2.06 7.39 7.79
CA GLU A 12 3.47 7.27 7.38
C GLU A 12 4.24 6.73 8.60
N TRP A 13 5.47 6.30 8.39
CA TRP A 13 6.20 5.53 9.39
C TRP A 13 6.43 6.30 10.70
N TYR A 14 6.77 7.60 10.57
CA TYR A 14 7.27 8.39 11.71
C TYR A 14 6.26 9.33 12.36
N MET A 15 4.97 9.09 12.21
CA MET A 15 3.97 9.92 12.86
C MET A 15 4.21 9.88 14.38
N PRO A 16 3.88 10.97 15.09
CA PRO A 16 4.13 10.96 16.53
C PRO A 16 3.28 9.92 17.27
N ASN A 17 3.84 9.33 18.31
CA ASN A 17 3.10 8.39 19.14
C ASN A 17 2.35 9.15 20.23
N ASP A 18 1.31 9.90 19.84
CA ASP A 18 0.52 10.68 20.75
C ASP A 18 -0.92 10.15 20.90
N GLY A 19 -1.25 9.05 20.24
CA GLY A 19 -2.57 8.44 20.39
C GLY A 19 -3.73 9.20 19.75
N GLN A 20 -3.41 10.19 18.92
CA GLN A 20 -4.40 11.06 18.31
C GLN A 20 -4.70 10.76 16.84
N HIS A 21 -4.05 9.76 16.24
CA HIS A 21 -4.20 9.52 14.81
C HIS A 21 -5.62 9.22 14.38
N TRP A 22 -6.33 8.37 15.13
CA TRP A 22 -7.72 8.07 14.76
C TRP A 22 -8.60 9.34 14.82
N LYS A 23 -8.44 10.18 15.84
CA LYS A 23 -9.16 11.46 15.90
C LYS A 23 -8.84 12.36 14.69
N ARG A 24 -7.55 12.42 14.34
CA ARG A 24 -7.12 13.17 13.17
C ARG A 24 -7.82 12.66 11.90
N LEU A 25 -7.82 11.35 11.71
CA LEU A 25 -8.54 10.76 10.59
C LEU A 25 -10.04 11.16 10.58
N GLN A 26 -10.72 11.02 11.72
CA GLN A 26 -12.10 11.46 11.83
C GLN A 26 -12.26 12.93 11.37
N ASN A 27 -11.43 13.81 11.90
CA ASN A 27 -11.45 15.26 11.56
C ASN A 27 -11.04 15.58 10.11
N ASP A 28 -10.34 14.67 9.44
CA ASP A 28 -9.95 14.87 8.04
C ASP A 28 -10.98 14.34 7.06
N SER A 29 -12.07 13.70 7.53
CA SER A 29 -12.95 13.01 6.60
C SER A 29 -13.68 13.95 5.60
N ALA A 30 -14.07 15.12 6.07
CA ALA A 30 -14.65 16.15 5.18
C ALA A 30 -13.69 16.57 4.06
N TYR A 31 -12.47 16.91 4.46
CA TYR A 31 -11.40 17.21 3.48
C TYR A 31 -11.18 16.07 2.52
N LEU A 32 -11.09 14.83 3.02
CA LEU A 32 -10.86 13.71 2.14
C LEU A 32 -11.98 13.56 1.11
N ALA A 33 -13.22 13.63 1.57
CA ALA A 33 -14.36 13.45 0.67
C ALA A 33 -14.43 14.56 -0.36
N GLU A 34 -14.21 15.80 0.06
CA GLU A 34 -14.26 16.96 -0.84
C GLU A 34 -13.21 16.84 -1.95
N HIS A 35 -12.04 16.29 -1.62
CA HIS A 35 -10.99 16.15 -2.62
C HIS A 35 -11.06 14.84 -3.45
N GLY A 36 -12.12 14.06 -3.28
CA GLY A 36 -12.35 12.88 -4.13
C GLY A 36 -11.69 11.58 -3.67
N ILE A 37 -11.25 11.50 -2.42
CA ILE A 37 -10.78 10.24 -1.86
C ILE A 37 -11.99 9.38 -1.57
N THR A 38 -11.99 8.15 -2.09
CA THR A 38 -13.12 7.22 -1.93
C THR A 38 -12.80 6.02 -1.06
N ALA A 39 -11.53 5.84 -0.71
CA ALA A 39 -11.15 4.77 0.18
C ALA A 39 -9.90 5.12 0.93
N VAL A 40 -9.79 4.66 2.18
CA VAL A 40 -8.57 4.82 2.94
C VAL A 40 -8.05 3.49 3.44
N TRP A 41 -6.75 3.31 3.34
CA TRP A 41 -6.06 2.17 3.91
C TRP A 41 -5.51 2.69 5.25
N ILE A 42 -5.99 2.11 6.35
CA ILE A 42 -5.58 2.52 7.70
C ILE A 42 -4.44 1.61 8.19
N PRO A 43 -3.54 2.14 9.04
CA PRO A 43 -2.47 1.27 9.54
C PRO A 43 -3.00 0.13 10.41
N PRO A 44 -2.17 -0.89 10.67
CA PRO A 44 -2.70 -1.99 11.46
C PRO A 44 -3.27 -1.44 12.76
N ALA A 45 -4.47 -1.89 13.08
CA ALA A 45 -5.27 -1.31 14.16
C ALA A 45 -5.15 -2.05 15.50
N TYR A 46 -4.38 -3.14 15.52
CA TYR A 46 -4.25 -4.06 16.69
C TYR A 46 -2.90 -3.84 17.40
N LYS A 47 -2.88 -4.24 18.66
CA LYS A 47 -1.73 -4.09 19.55
C LYS A 47 -0.44 -4.73 19.01
N GLY A 48 0.59 -3.92 18.89
CA GLY A 48 1.94 -4.37 18.54
C GLY A 48 2.77 -4.75 19.76
N THR A 49 4.08 -4.72 19.61
CA THR A 49 4.98 -5.16 20.67
C THR A 49 5.20 -4.08 21.71
N SER A 50 4.78 -2.86 21.39
CA SER A 50 4.82 -1.73 22.32
C SER A 50 3.84 -0.69 21.80
N GLN A 51 3.60 0.34 22.59
CA GLN A 51 2.69 1.41 22.19
C GLN A 51 3.13 2.11 20.93
N ASP A 52 4.44 2.32 20.78
CA ASP A 52 4.99 3.00 19.60
C ASP A 52 5.19 2.12 18.34
N ASP A 53 4.74 0.87 18.38
CA ASP A 53 4.75 -0.01 17.20
C ASP A 53 3.91 0.62 16.05
N VAL A 54 4.48 0.72 14.87
CA VAL A 54 3.74 1.22 13.69
C VAL A 54 2.58 0.29 13.36
N GLY A 55 2.68 -0.98 13.77
CA GLY A 55 1.57 -1.94 13.67
C GLY A 55 1.93 -3.30 13.11
N TYR A 56 3.13 -3.46 12.55
CA TYR A 56 3.57 -4.70 11.92
C TYR A 56 4.18 -5.71 12.90
N GLY A 57 4.30 -5.34 14.18
CA GLY A 57 4.62 -6.28 15.23
C GLY A 57 3.57 -7.34 15.49
N ALA A 58 2.30 -6.95 15.45
CA ALA A 58 1.18 -7.90 15.54
C ALA A 58 1.25 -8.84 16.74
N TYR A 59 1.21 -8.26 17.93
CA TYR A 59 1.15 -9.03 19.15
C TYR A 59 -0.23 -9.68 19.32
N ASP A 60 -1.30 -8.86 19.30
CA ASP A 60 -2.65 -9.38 19.57
C ASP A 60 -3.67 -8.79 18.62
N LEU A 61 -4.07 -9.63 17.67
CA LEU A 61 -5.01 -9.24 16.62
C LEU A 61 -6.43 -8.94 17.12
N TYR A 62 -6.79 -9.40 18.33
CA TYR A 62 -8.09 -9.11 18.93
C TYR A 62 -8.09 -7.90 19.88
N ASP A 63 -6.95 -7.19 19.96
CA ASP A 63 -6.81 -6.03 20.84
C ASP A 63 -6.59 -4.80 19.95
N LEU A 64 -7.70 -4.13 19.64
CA LEU A 64 -7.71 -2.96 18.74
C LEU A 64 -7.53 -1.66 19.52
N GLY A 65 -6.65 -1.69 20.52
CA GLY A 65 -6.54 -0.60 21.48
C GLY A 65 -7.66 -0.64 22.51
N GLU A 66 -7.95 -1.83 23.00
CA GLU A 66 -9.03 -2.06 23.96
C GLU A 66 -8.55 -2.63 25.32
N PHE A 67 -7.41 -3.31 25.34
CA PHE A 67 -6.94 -3.98 26.54
C PHE A 67 -5.58 -3.43 26.93
N HIS A 68 -5.31 -3.41 28.24
CA HIS A 68 -4.00 -2.98 28.73
C HIS A 68 -3.03 -4.15 28.57
N GLN A 69 -2.24 -4.06 27.50
CA GLN A 69 -1.26 -5.06 27.11
C GLN A 69 -0.09 -4.31 26.47
N LYS A 70 1.14 -4.77 26.73
CA LYS A 70 2.36 -4.11 26.23
C LYS A 70 2.47 -2.67 26.69
N GLY A 71 2.10 -2.43 27.94
CA GLY A 71 2.27 -1.15 28.57
C GLY A 71 1.28 -0.08 28.16
N THR A 72 0.20 -0.43 27.47
CA THR A 72 -0.77 0.60 26.97
C THR A 72 -2.14 -0.04 26.65
N VAL A 73 -3.19 0.76 26.76
CA VAL A 73 -4.50 0.34 26.27
C VAL A 73 -4.55 0.67 24.79
N ARG A 74 -4.41 1.96 24.47
CA ARG A 74 -4.38 2.38 23.07
C ARG A 74 -3.22 1.74 22.31
N THR A 75 -3.42 1.60 21.01
CA THR A 75 -2.32 1.38 20.08
C THR A 75 -1.60 2.71 19.87
N LYS A 76 -0.61 2.75 18.98
CA LYS A 76 0.02 4.04 18.62
C LYS A 76 -1.01 5.09 18.21
N TYR A 77 -2.06 4.63 17.54
CA TYR A 77 -3.00 5.47 16.83
C TYR A 77 -4.21 5.92 17.63
N GLY A 78 -4.53 5.20 18.70
CA GLY A 78 -5.67 5.53 19.56
C GLY A 78 -6.40 4.29 20.05
N THR A 79 -7.61 4.49 20.55
CA THR A 79 -8.43 3.40 21.09
C THR A 79 -9.33 2.76 20.01
N LYS A 80 -9.92 1.62 20.32
CA LYS A 80 -10.89 1.00 19.43
C LYS A 80 -12.05 1.95 19.14
N GLY A 81 -12.61 2.54 20.18
CA GLY A 81 -13.74 3.46 20.02
C GLY A 81 -13.46 4.67 19.14
N GLU A 82 -12.26 5.22 19.28
CA GLU A 82 -11.80 6.32 18.42
C GLU A 82 -11.69 5.91 16.95
N LEU A 83 -11.15 4.73 16.71
CA LEU A 83 -11.10 4.18 15.37
C LEU A 83 -12.50 3.98 14.79
N GLN A 84 -13.39 3.39 15.57
CA GLN A 84 -14.76 3.15 15.14
C GLN A 84 -15.49 4.47 14.85
N SER A 85 -15.25 5.52 15.66
CA SER A 85 -15.81 6.85 15.36
C SER A 85 -15.25 7.45 14.07
N ALA A 86 -13.95 7.24 13.81
CA ALA A 86 -13.34 7.70 12.56
C ALA A 86 -13.98 6.97 11.36
N ILE A 87 -14.19 5.67 11.50
CA ILE A 87 -14.73 4.87 10.43
C ILE A 87 -16.18 5.27 10.17
N ASN A 88 -16.96 5.55 11.21
CA ASN A 88 -18.34 5.99 10.93
C ASN A 88 -18.39 7.41 10.29
N SER A 89 -17.46 8.30 10.64
CA SER A 89 -17.33 9.57 9.90
C SER A 89 -16.96 9.38 8.43
N LEU A 90 -16.03 8.47 8.15
CA LEU A 90 -15.63 8.18 6.78
C LEU A 90 -16.80 7.56 6.01
N HIS A 91 -17.46 6.57 6.59
CA HIS A 91 -18.64 5.97 5.93
C HIS A 91 -19.76 6.99 5.71
N SER A 92 -19.95 7.92 6.63
CA SER A 92 -20.94 8.98 6.44
C SER A 92 -20.68 9.78 5.17
N ARG A 93 -19.43 9.88 4.73
CA ARG A 93 -19.13 10.55 3.47
C ARG A 93 -18.82 9.57 2.35
N ASP A 94 -19.33 8.36 2.42
CA ASP A 94 -19.06 7.36 1.40
C ASP A 94 -17.60 7.02 1.14
N ILE A 95 -16.75 7.08 2.17
CA ILE A 95 -15.36 6.68 2.03
C ILE A 95 -15.22 5.29 2.62
N ASN A 96 -14.77 4.37 1.78
CA ASN A 96 -14.52 2.98 2.19
C ASN A 96 -13.28 2.89 3.07
N VAL A 97 -13.24 1.89 3.93
CA VAL A 97 -12.09 1.66 4.79
C VAL A 97 -11.51 0.27 4.56
N TYR A 98 -10.22 0.24 4.23
CA TYR A 98 -9.47 -1.01 4.06
C TYR A 98 -8.55 -1.22 5.25
N GLY A 99 -8.73 -2.34 5.95
CA GLY A 99 -7.90 -2.65 7.13
C GLY A 99 -6.64 -3.39 6.76
N ASP A 100 -5.55 -3.09 7.45
CA ASP A 100 -4.27 -3.69 7.21
C ASP A 100 -4.26 -5.04 7.89
N VAL A 101 -3.79 -6.07 7.19
CA VAL A 101 -3.85 -7.44 7.69
C VAL A 101 -2.42 -7.93 7.77
N VAL A 102 -1.94 -8.07 9.00
CA VAL A 102 -0.57 -8.55 9.30
C VAL A 102 -0.66 -9.95 9.92
N ILE A 103 -0.56 -10.95 9.06
CA ILE A 103 -0.72 -12.33 9.46
C ILE A 103 0.46 -13.22 9.08
N ASN A 104 1.60 -12.63 8.73
CA ASN A 104 2.80 -13.41 8.47
C ASN A 104 3.39 -13.98 9.77
N HIS A 105 3.30 -13.21 10.85
CA HIS A 105 4.04 -13.50 12.03
C HIS A 105 3.34 -12.92 13.27
N LYS A 106 3.85 -13.28 14.45
CA LYS A 106 3.47 -12.63 15.69
C LYS A 106 4.72 -12.24 16.48
N GLY A 107 4.77 -11.00 16.94
CA GLY A 107 5.90 -10.49 17.73
C GLY A 107 5.46 -10.23 19.16
N GLY A 108 6.43 -10.13 20.04
CA GLY A 108 6.19 -9.74 21.43
C GLY A 108 5.48 -10.76 22.29
N ALA A 109 5.78 -12.04 22.08
CA ALA A 109 5.18 -13.09 22.91
C ALA A 109 5.33 -12.77 24.40
N ASP A 110 4.36 -13.22 25.18
CA ASP A 110 4.31 -12.98 26.61
C ASP A 110 5.41 -13.78 27.33
N ALA A 111 5.71 -14.99 26.86
CA ALA A 111 6.76 -15.82 27.49
C ALA A 111 7.52 -16.69 26.49
N THR A 112 8.70 -17.12 26.91
CA THR A 112 9.55 -18.00 26.08
C THR A 112 9.11 -19.42 26.28
N GLU A 113 9.49 -20.27 25.35
CA GLU A 113 9.35 -21.70 25.48
C GLU A 113 10.64 -22.35 25.06
N TYR A 114 10.99 -23.46 25.70
CA TYR A 114 12.13 -24.27 25.26
C TYR A 114 11.67 -25.02 24.02
N VAL A 115 12.41 -24.86 22.93
CA VAL A 115 12.07 -25.44 21.65
C VAL A 115 13.33 -26.05 21.02
N THR A 116 13.17 -27.21 20.40
CA THR A 116 14.23 -27.83 19.64
C THR A 116 14.18 -27.24 18.25
N ALA A 117 15.34 -26.82 17.74
CA ALA A 117 15.43 -26.18 16.45
C ALA A 117 16.77 -26.42 15.80
N VAL A 118 16.82 -26.12 14.51
CA VAL A 118 18.06 -26.09 13.75
C VAL A 118 18.20 -24.72 13.12
N GLU A 119 19.43 -24.31 12.91
CA GLU A 119 19.70 -23.09 12.20
C GLU A 119 19.59 -23.34 10.70
N VAL A 120 19.11 -22.33 9.97
CA VAL A 120 19.14 -22.35 8.50
C VAL A 120 19.92 -21.15 7.94
N ASP A 121 20.39 -21.30 6.71
CA ASP A 121 21.22 -20.28 6.03
C ASP A 121 20.32 -19.12 5.65
N PRO A 122 20.60 -17.89 6.15
CA PRO A 122 19.73 -16.75 5.82
C PRO A 122 19.63 -16.42 4.32
N ALA A 123 20.67 -16.75 3.55
CA ALA A 123 20.62 -16.60 2.09
C ALA A 123 19.96 -17.80 1.39
N ASP A 124 19.65 -18.87 2.11
CA ASP A 124 19.09 -20.09 1.49
C ASP A 124 18.46 -20.93 2.61
N ARG A 125 17.20 -20.60 2.92
CA ARG A 125 16.57 -21.13 4.12
C ARG A 125 16.18 -22.60 4.00
N ASN A 126 16.35 -23.18 2.81
CA ASN A 126 16.25 -24.64 2.63
C ASN A 126 17.47 -25.40 3.10
N ARG A 127 18.57 -24.70 3.35
CA ARG A 127 19.83 -25.31 3.73
C ARG A 127 19.95 -25.22 5.28
N VAL A 128 20.01 -26.38 5.93
CA VAL A 128 20.16 -26.46 7.39
C VAL A 128 21.66 -26.35 7.71
N THR A 129 22.01 -25.54 8.73
CA THR A 129 23.41 -25.24 9.08
C THR A 129 23.79 -25.61 10.52
N SER A 130 22.93 -26.35 11.22
CA SER A 130 23.30 -26.94 12.52
C SER A 130 22.56 -28.23 12.75
N GLY A 131 23.04 -28.98 13.72
CA GLY A 131 22.25 -30.04 14.33
C GLY A 131 21.17 -29.44 15.21
N GLU A 132 20.41 -30.32 15.85
CA GLU A 132 19.34 -29.89 16.72
C GLU A 132 19.93 -29.24 17.96
N GLN A 133 19.32 -28.14 18.36
CA GLN A 133 19.72 -27.46 19.58
C GLN A 133 18.48 -26.99 20.30
N ARG A 134 18.66 -26.76 21.59
CA ARG A 134 17.59 -26.29 22.44
C ARG A 134 17.70 -24.77 22.51
N ILE A 135 16.65 -24.07 22.13
CA ILE A 135 16.62 -22.59 22.19
C ILE A 135 15.45 -22.12 23.08
N LYS A 136 15.49 -20.86 23.50
CA LYS A 136 14.36 -20.23 24.18
C LYS A 136 13.75 -19.25 23.20
N ALA A 137 12.58 -19.57 22.66
CA ALA A 137 11.98 -18.78 21.60
C ALA A 137 10.79 -18.03 22.18
N TRP A 138 10.58 -16.81 21.70
CA TRP A 138 9.41 -16.00 22.13
C TRP A 138 8.18 -16.45 21.34
N THR A 139 7.53 -17.49 21.86
CA THR A 139 6.41 -18.16 21.17
C THR A 139 5.12 -18.33 21.97
N HIS A 140 5.12 -18.05 23.28
CA HIS A 140 3.93 -18.26 24.10
C HIS A 140 3.11 -16.98 24.19
N PHE A 141 1.91 -16.99 23.59
CA PHE A 141 0.98 -15.85 23.65
C PHE A 141 -0.22 -16.27 24.47
N GLN A 142 -0.39 -15.65 25.65
CA GLN A 142 -1.54 -15.87 26.55
C GLN A 142 -2.50 -14.69 26.64
N PHE A 143 -2.04 -13.51 26.22
CA PHE A 143 -2.87 -12.29 26.25
C PHE A 143 -3.43 -11.98 27.66
N PRO A 144 -2.54 -11.73 28.65
CA PRO A 144 -3.00 -11.56 30.03
C PRO A 144 -3.97 -10.43 30.22
N GLY A 145 -3.80 -9.35 29.45
CA GLY A 145 -4.67 -8.20 29.57
C GLY A 145 -6.02 -8.43 28.97
N ARG A 146 -6.11 -9.28 27.95
CA ARG A 146 -7.39 -9.56 27.30
C ARG A 146 -8.11 -10.77 27.89
N GLY A 147 -7.39 -11.80 28.32
CA GLY A 147 -8.04 -13.05 28.68
C GLY A 147 -8.68 -13.68 27.45
N SER A 148 -9.86 -14.24 27.65
CA SER A 148 -10.56 -14.96 26.60
C SER A 148 -11.59 -14.11 25.87
N THR A 149 -11.72 -12.84 26.26
CA THR A 149 -12.65 -11.91 25.61
C THR A 149 -12.42 -11.89 24.08
N TYR A 150 -13.47 -12.18 23.32
CA TYR A 150 -13.46 -12.32 21.86
C TYR A 150 -12.85 -13.61 21.32
N SER A 151 -11.91 -14.23 22.01
CA SER A 151 -11.23 -15.42 21.48
C SER A 151 -10.42 -16.06 22.58
N ASP A 152 -10.66 -17.34 22.85
CA ASP A 152 -9.83 -18.08 23.79
C ASP A 152 -8.60 -18.77 23.14
N PHE A 153 -8.30 -18.48 21.87
CA PHE A 153 -7.16 -19.11 21.21
C PHE A 153 -5.84 -18.60 21.78
N LYS A 154 -4.99 -19.52 22.23
CA LYS A 154 -3.67 -19.21 22.76
C LYS A 154 -2.65 -19.74 21.74
N TRP A 155 -1.52 -19.06 21.59
CA TRP A 155 -0.47 -19.50 20.65
C TRP A 155 0.70 -20.09 21.41
N TYR A 156 1.23 -21.18 20.87
CA TYR A 156 2.44 -21.81 21.35
C TYR A 156 3.42 -22.06 20.18
N TRP A 157 4.63 -22.51 20.49
CA TRP A 157 5.71 -22.72 19.50
C TRP A 157 5.25 -23.55 18.30
N TYR A 158 4.37 -24.52 18.54
CA TYR A 158 3.92 -25.42 17.49
C TYR A 158 2.94 -24.81 16.50
N HIS A 159 2.55 -23.55 16.72
CA HIS A 159 1.81 -22.80 15.74
C HIS A 159 2.72 -22.04 14.78
N PHE A 160 4.04 -22.14 14.97
CA PHE A 160 4.99 -21.37 14.19
C PHE A 160 6.03 -22.29 13.54
N ASP A 161 6.64 -21.82 12.45
CA ASP A 161 7.69 -22.57 11.78
C ASP A 161 9.08 -22.27 12.34
N GLY A 162 9.24 -21.07 12.88
CA GLY A 162 10.52 -20.65 13.42
C GLY A 162 10.53 -19.21 13.91
N THR A 163 11.73 -18.76 14.28
CA THR A 163 11.95 -17.47 14.89
C THR A 163 13.37 -17.02 14.56
N ASP A 164 13.69 -15.77 14.88
CA ASP A 164 15.04 -15.24 14.62
C ASP A 164 15.83 -14.89 15.90
N TRP A 165 15.39 -15.40 17.04
CA TRP A 165 16.01 -15.05 18.29
C TRP A 165 15.96 -16.19 19.29
N ASP A 166 17.14 -16.59 19.77
CA ASP A 166 17.26 -17.50 20.90
C ASP A 166 17.61 -16.66 22.11
N GLU A 167 16.69 -16.64 23.08
CA GLU A 167 16.84 -15.85 24.30
C GLU A 167 17.91 -16.43 25.21
N SER A 168 18.15 -17.74 25.18
CA SER A 168 19.13 -18.35 26.09
C SER A 168 20.56 -17.91 25.72
N ARG A 169 20.90 -17.95 24.44
CA ARG A 169 22.24 -17.57 23.98
C ARG A 169 22.33 -16.12 23.55
N LYS A 170 21.18 -15.45 23.47
CA LYS A 170 21.07 -14.05 23.11
C LYS A 170 21.59 -13.84 21.69
N LEU A 171 21.09 -14.65 20.78
CA LEU A 171 21.69 -14.77 19.46
C LEU A 171 20.64 -14.58 18.38
N ASN A 172 21.01 -13.83 17.35
CA ASN A 172 20.14 -13.53 16.22
C ASN A 172 20.49 -14.39 15.01
N ARG A 173 19.73 -15.48 14.83
CA ARG A 173 19.93 -16.44 13.75
C ARG A 173 18.55 -16.90 13.33
N ILE A 174 18.40 -17.45 12.13
CA ILE A 174 17.12 -18.02 11.73
C ILE A 174 17.06 -19.49 12.17
N TYR A 175 16.09 -19.75 13.04
CA TYR A 175 15.88 -21.06 13.63
C TYR A 175 14.59 -21.64 13.11
N LYS A 176 14.65 -22.87 12.58
CA LYS A 176 13.48 -23.63 12.14
C LYS A 176 13.17 -24.67 13.21
N PHE A 177 11.92 -24.70 13.69
CA PHE A 177 11.56 -25.59 14.78
C PHE A 177 11.45 -27.05 14.36
N GLN A 178 11.74 -27.93 15.31
CA GLN A 178 11.67 -29.37 15.10
C GLN A 178 10.31 -29.77 14.56
N GLY A 179 10.32 -30.61 13.52
CA GLY A 179 9.11 -31.07 12.85
C GLY A 179 8.42 -30.08 11.94
N LYS A 180 8.96 -28.88 11.78
CA LYS A 180 8.37 -27.87 10.92
C LYS A 180 9.06 -27.79 9.58
N ALA A 181 8.31 -27.29 8.60
CA ALA A 181 8.80 -27.06 7.26
C ALA A 181 8.36 -25.66 6.86
N TRP A 182 9.25 -24.90 6.22
CA TRP A 182 8.83 -23.64 5.61
C TRP A 182 7.66 -23.90 4.70
N ASP A 183 6.69 -22.99 4.73
CA ASP A 183 5.51 -23.07 3.89
C ASP A 183 5.83 -22.84 2.44
N TRP A 184 5.00 -23.42 1.58
CA TRP A 184 5.09 -23.25 0.13
C TRP A 184 3.63 -23.16 -0.37
N GLU A 185 3.30 -22.35 -1.38
CA GLU A 185 4.21 -21.50 -2.15
C GLU A 185 4.38 -20.13 -1.51
N VAL A 186 5.64 -19.69 -1.46
CA VAL A 186 6.04 -18.35 -1.07
C VAL A 186 7.09 -17.89 -2.08
N SER A 187 7.61 -16.67 -1.91
CA SER A 187 8.72 -16.20 -2.75
C SER A 187 9.89 -17.18 -2.66
N ASN A 188 10.52 -17.44 -3.81
CA ASN A 188 11.71 -18.29 -3.92
C ASN A 188 13.02 -17.53 -3.61
N GLU A 189 12.94 -16.23 -3.32
CA GLU A 189 14.10 -15.46 -2.84
C GLU A 189 14.65 -16.09 -1.57
N ASN A 190 15.97 -16.08 -1.47
CA ASN A 190 16.70 -16.72 -0.38
C ASN A 190 16.32 -18.19 -0.25
N GLY A 191 16.10 -18.84 -1.39
CA GLY A 191 15.67 -20.24 -1.47
C GLY A 191 14.17 -20.41 -1.17
N ASN A 192 13.78 -19.96 0.02
CA ASN A 192 12.39 -19.88 0.43
C ASN A 192 12.28 -18.67 1.37
N TYR A 193 11.36 -17.74 1.09
CA TYR A 193 11.25 -16.51 1.89
C TYR A 193 10.06 -16.53 2.86
N ASP A 194 9.62 -17.73 3.25
CA ASP A 194 8.61 -17.84 4.32
C ASP A 194 9.02 -17.01 5.56
N TYR A 195 10.26 -17.20 6.02
CA TYR A 195 10.72 -16.50 7.24
C TYR A 195 11.02 -15.03 6.93
N LEU A 196 10.46 -14.13 7.73
CA LEU A 196 10.77 -12.69 7.62
C LEU A 196 11.27 -12.11 8.93
N MET A 197 10.43 -12.14 9.96
CA MET A 197 10.79 -11.66 11.30
C MET A 197 9.81 -12.18 12.36
N TYR A 198 10.17 -11.94 13.63
CA TYR A 198 9.42 -12.40 14.79
C TYR A 198 9.17 -13.91 14.71
N ALA A 199 8.07 -14.40 15.30
CA ALA A 199 7.71 -15.81 15.21
C ALA A 199 6.85 -16.03 13.95
N ASP A 200 7.34 -16.86 13.04
CA ASP A 200 6.69 -17.07 11.74
C ASP A 200 5.56 -18.09 11.83
N ILE A 201 4.37 -17.67 11.43
CA ILE A 201 3.17 -18.52 11.52
C ILE A 201 3.28 -19.72 10.56
N ASP A 202 2.92 -20.89 11.08
CA ASP A 202 2.94 -22.14 10.32
C ASP A 202 1.60 -22.35 9.63
N TYR A 203 1.51 -21.97 8.35
CA TYR A 203 0.26 -22.15 7.60
C TYR A 203 0.03 -23.56 7.06
N ASP A 204 0.88 -24.51 7.48
CA ASP A 204 0.57 -25.94 7.36
C ASP A 204 -0.31 -26.42 8.53
N HIS A 205 -0.47 -25.62 9.57
CA HIS A 205 -1.20 -26.06 10.76
C HIS A 205 -2.71 -25.81 10.62
N PRO A 206 -3.53 -26.86 10.68
CA PRO A 206 -4.97 -26.64 10.41
C PRO A 206 -5.71 -25.77 11.43
N ASP A 207 -5.29 -25.79 12.70
CA ASP A 207 -5.87 -24.91 13.70
C ASP A 207 -5.55 -23.45 13.44
N VAL A 208 -4.35 -23.20 12.90
CA VAL A 208 -3.89 -21.85 12.60
C VAL A 208 -4.67 -21.30 11.42
N THR A 209 -4.78 -22.06 10.34
CA THR A 209 -5.55 -21.61 9.18
C THR A 209 -7.00 -21.28 9.58
N ALA A 210 -7.63 -22.17 10.34
CA ALA A 210 -9.00 -21.94 10.84
C ALA A 210 -9.07 -20.66 11.68
N GLU A 211 -8.09 -20.46 12.57
CA GLU A 211 -8.12 -19.31 13.49
C GLU A 211 -7.96 -18.00 12.75
N ILE A 212 -7.00 -17.92 11.83
CA ILE A 212 -6.72 -16.68 11.12
C ILE A 212 -7.90 -16.29 10.21
N LYS A 213 -8.55 -17.28 9.61
CA LYS A 213 -9.78 -17.06 8.84
C LYS A 213 -10.90 -16.52 9.73
N ARG A 214 -11.07 -17.12 10.91
CA ARG A 214 -12.17 -16.66 11.77
C ARG A 214 -11.84 -15.25 12.37
N TRP A 215 -10.57 -15.00 12.69
CA TRP A 215 -10.14 -13.65 13.07
C TRP A 215 -10.43 -12.65 11.96
N GLY A 216 -10.18 -13.04 10.71
CA GLY A 216 -10.45 -12.17 9.56
C GLY A 216 -11.89 -11.66 9.53
N THR A 217 -12.82 -12.58 9.71
CA THR A 217 -14.23 -12.24 9.76
C THR A 217 -14.53 -11.33 10.94
N TRP A 218 -13.99 -11.67 12.11
CA TRP A 218 -14.20 -10.87 13.31
C TRP A 218 -13.75 -9.42 13.12
N TYR A 219 -12.56 -9.25 12.56
CA TYR A 219 -11.94 -7.96 12.32
C TYR A 219 -12.80 -7.12 11.36
N ALA A 220 -13.26 -7.74 10.28
CA ALA A 220 -14.15 -7.08 9.34
C ALA A 220 -15.43 -6.56 10.01
N ASN A 221 -16.07 -7.40 10.84
CA ASN A 221 -17.25 -6.97 11.58
C ASN A 221 -16.96 -5.88 12.58
N GLU A 222 -15.92 -6.07 13.37
CA GLU A 222 -15.59 -5.20 14.48
C GLU A 222 -15.32 -3.77 14.01
N LEU A 223 -14.68 -3.59 12.85
CA LEU A 223 -14.41 -2.26 12.30
C LEU A 223 -15.27 -1.87 11.06
N GLN A 224 -16.26 -2.70 10.74
CA GLN A 224 -17.13 -2.48 9.59
C GLN A 224 -16.29 -2.18 8.32
N LEU A 225 -15.23 -2.96 8.13
CA LEU A 225 -14.31 -2.77 7.02
C LEU A 225 -14.97 -3.09 5.70
N ASP A 226 -14.59 -2.34 4.69
CA ASP A 226 -15.02 -2.54 3.30
C ASP A 226 -14.02 -3.35 2.49
N GLY A 227 -12.89 -3.68 3.09
CA GLY A 227 -11.81 -4.33 2.36
C GLY A 227 -10.54 -4.43 3.19
N PHE A 228 -9.46 -4.87 2.53
CA PHE A 228 -8.23 -5.24 3.21
C PHE A 228 -6.99 -4.82 2.43
N ARG A 229 -5.93 -4.51 3.17
CA ARG A 229 -4.59 -4.46 2.63
C ARG A 229 -3.80 -5.58 3.29
N LEU A 230 -3.26 -6.49 2.46
CA LEU A 230 -2.50 -7.65 2.95
C LEU A 230 -1.01 -7.38 3.03
N ASP A 231 -0.48 -7.49 4.25
CA ASP A 231 0.91 -7.25 4.54
C ASP A 231 1.81 -8.43 4.18
N ALA A 232 2.94 -8.12 3.56
CA ALA A 232 4.08 -9.03 3.45
C ALA A 232 3.74 -10.36 2.76
N VAL A 233 2.91 -10.31 1.73
CA VAL A 233 2.37 -11.54 1.14
C VAL A 233 3.36 -12.48 0.49
N LYS A 234 4.53 -11.98 0.07
CA LYS A 234 5.52 -12.87 -0.47
C LYS A 234 6.12 -13.84 0.56
N HIS A 235 5.82 -13.61 1.85
CA HIS A 235 6.23 -14.50 2.96
C HIS A 235 5.11 -15.39 3.50
N ILE A 236 3.96 -15.39 2.81
CA ILE A 236 2.78 -16.11 3.27
C ILE A 236 2.29 -17.05 2.18
N LYS A 237 2.09 -18.32 2.54
CA LYS A 237 1.62 -19.35 1.63
C LYS A 237 0.52 -18.81 0.68
N PHE A 238 0.75 -18.82 -0.63
CA PHE A 238 -0.19 -18.14 -1.55
C PHE A 238 -1.60 -18.74 -1.54
N SER A 239 -1.72 -20.06 -1.55
CA SER A 239 -3.05 -20.71 -1.53
C SER A 239 -3.86 -20.36 -0.27
N PHE A 240 -3.17 -20.15 0.87
CA PHE A 240 -3.84 -19.73 2.08
C PHE A 240 -4.44 -18.33 1.93
N LEU A 241 -3.64 -17.40 1.43
CA LEU A 241 -4.12 -16.02 1.20
C LEU A 241 -5.34 -16.02 0.27
N ARG A 242 -5.24 -16.76 -0.83
CA ARG A 242 -6.39 -16.97 -1.71
C ARG A 242 -7.63 -17.43 -0.92
N ASP A 243 -7.45 -18.49 -0.15
CA ASP A 243 -8.57 -19.07 0.63
C ASP A 243 -9.10 -18.10 1.70
N TRP A 244 -8.20 -17.37 2.35
CA TRP A 244 -8.58 -16.42 3.40
C TRP A 244 -9.49 -15.31 2.83
N VAL A 245 -9.08 -14.77 1.69
CA VAL A 245 -9.89 -13.74 1.02
C VAL A 245 -11.27 -14.30 0.63
N ASN A 246 -11.32 -15.50 0.07
CA ASN A 246 -12.60 -16.11 -0.29
C ASN A 246 -13.46 -16.34 0.95
N HIS A 247 -12.83 -16.82 2.03
CA HIS A 247 -13.54 -17.13 3.28
C HIS A 247 -14.21 -15.88 3.84
N VAL A 248 -13.46 -14.79 3.94
CA VAL A 248 -14.01 -13.55 4.56
C VAL A 248 -15.12 -12.94 3.69
N ARG A 249 -14.93 -12.96 2.38
CA ARG A 249 -16.00 -12.55 1.47
C ARG A 249 -17.26 -13.40 1.67
N GLU A 250 -17.08 -14.71 1.80
CA GLU A 250 -18.21 -15.61 1.98
C GLU A 250 -18.95 -15.31 3.28
N LYS A 251 -18.21 -15.14 4.38
CA LYS A 251 -18.83 -14.91 5.68
C LYS A 251 -19.47 -13.55 5.82
N THR A 252 -18.85 -12.51 5.26
CA THR A 252 -19.40 -11.17 5.35
C THR A 252 -20.49 -10.89 4.33
N GLY A 253 -20.51 -11.63 3.22
CA GLY A 253 -21.41 -11.32 2.11
C GLY A 253 -21.11 -10.05 1.32
N LYS A 254 -19.90 -9.50 1.48
CA LYS A 254 -19.50 -8.25 0.84
C LYS A 254 -18.35 -8.46 -0.11
N GLU A 255 -18.16 -7.49 -1.00
CA GLU A 255 -17.10 -7.51 -2.01
C GLU A 255 -15.73 -7.63 -1.34
N MET A 256 -15.47 -6.82 -0.32
CA MET A 256 -14.18 -6.77 0.36
C MET A 256 -13.04 -6.66 -0.64
N PHE A 257 -13.01 -5.53 -1.35
CA PHE A 257 -11.83 -5.19 -2.13
C PHE A 257 -10.55 -5.49 -1.32
N THR A 258 -9.63 -6.22 -1.93
CA THR A 258 -8.36 -6.53 -1.27
C THR A 258 -7.19 -6.20 -2.19
N VAL A 259 -6.19 -5.54 -1.60
CA VAL A 259 -4.91 -5.31 -2.26
C VAL A 259 -3.78 -5.92 -1.42
N ALA A 260 -2.88 -6.63 -2.08
CA ALA A 260 -1.74 -7.26 -1.44
C ALA A 260 -0.44 -6.51 -1.74
N GLU A 261 0.39 -6.38 -0.71
CA GLU A 261 1.75 -5.88 -0.85
C GLU A 261 2.71 -7.05 -1.09
N TYR A 262 2.94 -7.34 -2.38
CA TYR A 262 3.91 -8.31 -2.81
C TYR A 262 5.12 -7.51 -3.24
N TRP A 263 6.15 -7.44 -2.40
CA TRP A 263 7.25 -6.53 -2.68
C TRP A 263 8.33 -7.15 -3.55
N GLN A 264 8.20 -6.95 -4.84
CA GLN A 264 9.25 -7.30 -5.78
C GLN A 264 9.14 -6.45 -7.02
N ASN A 265 10.28 -5.93 -7.46
CA ASN A 265 10.38 -5.12 -8.66
C ASN A 265 10.48 -6.04 -9.89
N ASP A 266 9.43 -6.82 -10.12
CA ASP A 266 9.44 -7.82 -11.17
C ASP A 266 8.02 -8.23 -11.55
N LEU A 267 7.61 -7.84 -12.75
CA LEU A 267 6.28 -8.10 -13.22
C LEU A 267 5.96 -9.61 -13.23
N GLY A 268 6.92 -10.40 -13.73
CA GLY A 268 6.80 -11.88 -13.73
C GLY A 268 6.43 -12.49 -12.38
N ALA A 269 7.06 -12.03 -11.32
CA ALA A 269 6.80 -12.56 -9.98
C ALA A 269 5.39 -12.16 -9.50
N LEU A 270 4.98 -10.95 -9.84
CA LEU A 270 3.68 -10.47 -9.45
C LEU A 270 2.60 -11.20 -10.23
N GLU A 271 2.83 -11.43 -11.52
CA GLU A 271 1.92 -12.25 -12.32
C GLU A 271 1.78 -13.70 -11.80
N ASN A 272 2.88 -14.31 -11.38
CA ASN A 272 2.81 -15.60 -10.73
C ASN A 272 1.91 -15.53 -9.48
N TYR A 273 2.14 -14.55 -8.62
CA TYR A 273 1.29 -14.41 -7.43
C TYR A 273 -0.21 -14.26 -7.77
N LEU A 274 -0.52 -13.40 -8.75
CA LEU A 274 -1.89 -13.20 -9.21
C LEU A 274 -2.49 -14.51 -9.68
N ASN A 275 -1.74 -15.22 -10.52
N ASN A 275 -1.74 -15.23 -10.51
CA ASN A 275 -2.17 -16.51 -11.02
CA ASN A 275 -2.16 -16.53 -11.01
C ASN A 275 -2.41 -17.53 -9.90
C ASN A 275 -2.43 -17.51 -9.87
N LYS A 276 -1.53 -17.55 -8.89
CA LYS A 276 -1.66 -18.50 -7.78
C LYS A 276 -2.73 -18.13 -6.78
N THR A 277 -3.22 -16.89 -6.83
CA THR A 277 -4.38 -16.51 -6.04
C THR A 277 -5.65 -16.33 -6.90
N ASN A 278 -5.67 -16.93 -8.11
CA ASN A 278 -6.83 -16.87 -9.05
C ASN A 278 -7.34 -15.47 -9.33
N PHE A 279 -6.46 -14.47 -9.30
CA PHE A 279 -6.82 -13.08 -9.55
C PHE A 279 -7.96 -12.59 -8.65
N ASN A 280 -8.10 -13.15 -7.44
CA ASN A 280 -9.21 -12.73 -6.57
C ASN A 280 -8.89 -11.45 -5.82
N HIS A 281 -7.65 -10.94 -5.91
CA HIS A 281 -7.34 -9.62 -5.40
C HIS A 281 -6.21 -8.89 -6.17
N SER A 282 -6.08 -7.60 -5.88
CA SER A 282 -5.12 -6.71 -6.54
C SER A 282 -3.78 -6.74 -5.86
N VAL A 283 -2.76 -6.20 -6.52
CA VAL A 283 -1.43 -6.01 -5.95
C VAL A 283 -1.01 -4.57 -6.15
N PHE A 284 -0.12 -4.10 -5.28
CA PHE A 284 0.49 -2.80 -5.52
C PHE A 284 1.46 -2.87 -6.70
N ASP A 285 1.50 -1.79 -7.47
CA ASP A 285 2.33 -1.75 -8.68
C ASP A 285 3.76 -1.32 -8.33
N VAL A 286 4.48 -2.30 -7.82
CA VAL A 286 5.81 -2.08 -7.30
C VAL A 286 6.79 -1.68 -8.40
N PRO A 287 6.72 -2.33 -9.58
CA PRO A 287 7.60 -1.91 -10.67
C PRO A 287 7.41 -0.47 -11.10
N LEU A 288 6.15 -0.02 -11.16
CA LEU A 288 5.88 1.38 -11.51
C LEU A 288 6.53 2.33 -10.51
N HIS A 289 6.43 2.02 -9.21
CA HIS A 289 7.14 2.77 -8.19
C HIS A 289 8.64 2.89 -8.48
N TYR A 290 9.28 1.78 -8.84
CA TYR A 290 10.73 1.77 -9.12
C TYR A 290 11.10 2.57 -10.36
N GLN A 291 10.24 2.56 -11.39
CA GLN A 291 10.43 3.47 -12.53
C GLN A 291 10.31 4.95 -12.12
N PHE A 292 9.33 5.29 -11.28
CA PHE A 292 9.25 6.67 -10.79
C PHE A 292 10.53 7.04 -10.03
N HIS A 293 11.02 6.12 -9.20
CA HIS A 293 12.21 6.40 -8.45
C HIS A 293 13.38 6.59 -9.43
N ALA A 294 13.50 5.70 -10.42
CA ALA A 294 14.58 5.82 -11.42
C ALA A 294 14.52 7.16 -12.18
N ALA A 295 13.37 7.47 -12.76
CA ALA A 295 13.19 8.75 -13.46
C ALA A 295 13.60 9.92 -12.56
N SER A 296 13.16 9.89 -11.30
CA SER A 296 13.41 11.00 -10.36
C SER A 296 14.87 11.21 -9.97
N THR A 297 15.70 10.18 -10.12
CA THR A 297 17.11 10.24 -9.74
C THR A 297 18.08 10.34 -10.93
N GLN A 298 17.60 10.38 -12.17
CA GLN A 298 18.49 10.34 -13.33
C GLN A 298 18.59 11.64 -14.12
N GLY A 299 18.00 12.71 -13.58
CA GLY A 299 18.24 14.07 -14.08
C GLY A 299 17.93 14.35 -15.54
N GLY A 300 16.90 13.68 -16.07
CA GLY A 300 16.60 13.77 -17.51
C GLY A 300 17.12 12.60 -18.34
N GLY A 301 18.08 11.85 -17.81
CA GLY A 301 18.62 10.69 -18.51
C GLY A 301 17.69 9.52 -18.70
N TYR A 302 16.61 9.43 -17.92
CA TYR A 302 15.68 8.33 -18.04
C TYR A 302 14.86 8.44 -19.32
N ASP A 303 14.58 7.31 -19.95
CA ASP A 303 13.73 7.31 -21.14
C ASP A 303 12.28 7.18 -20.67
N MET A 304 11.55 8.29 -20.73
CA MET A 304 10.20 8.36 -20.17
C MET A 304 9.21 7.44 -20.86
N ARG A 305 9.56 6.99 -22.06
CA ARG A 305 8.76 6.01 -22.79
C ARG A 305 8.64 4.71 -22.04
N LYS A 306 9.62 4.40 -21.19
CA LYS A 306 9.59 3.15 -20.40
C LYS A 306 8.43 3.01 -19.43
N LEU A 307 7.84 4.12 -19.02
CA LEU A 307 6.71 4.11 -18.09
C LEU A 307 5.51 3.27 -18.54
N LEU A 308 5.35 3.05 -19.85
CA LEU A 308 4.26 2.26 -20.39
C LEU A 308 4.48 0.75 -20.35
N ASN A 309 5.65 0.27 -19.92
CA ASN A 309 5.92 -1.18 -19.94
C ASN A 309 6.49 -1.69 -18.65
N GLY A 310 6.37 -3.00 -18.46
CA GLY A 310 6.96 -3.71 -17.35
C GLY A 310 6.30 -3.41 -16.02
N THR A 311 5.08 -2.88 -16.04
CA THR A 311 4.34 -2.54 -14.81
C THR A 311 3.10 -3.40 -14.69
N VAL A 312 2.58 -3.53 -13.47
CA VAL A 312 1.32 -4.28 -13.28
C VAL A 312 0.19 -3.59 -14.05
N VAL A 313 0.15 -2.27 -13.98
CA VAL A 313 -0.93 -1.51 -14.58
C VAL A 313 -0.88 -1.66 -16.11
N SER A 314 0.32 -1.76 -16.70
CA SER A 314 0.44 -1.99 -18.16
C SER A 314 -0.19 -3.28 -18.65
N LYS A 315 -0.21 -4.32 -17.82
CA LYS A 315 -0.71 -5.65 -18.23
C LYS A 315 -1.98 -6.09 -17.54
N HIS A 316 -2.19 -5.70 -16.29
CA HIS A 316 -3.38 -6.10 -15.53
C HIS A 316 -3.95 -4.87 -14.80
N PRO A 317 -4.47 -3.91 -15.55
CA PRO A 317 -4.90 -2.64 -14.95
C PRO A 317 -5.98 -2.76 -13.88
N VAL A 318 -6.85 -3.76 -14.00
CA VAL A 318 -7.97 -3.98 -13.06
C VAL A 318 -7.44 -4.49 -11.70
N LYS A 319 -6.24 -5.04 -11.71
CA LYS A 319 -5.65 -5.64 -10.53
C LYS A 319 -4.46 -4.86 -9.97
N ALA A 320 -4.24 -3.64 -10.42
CA ALA A 320 -3.14 -2.80 -9.97
C ALA A 320 -3.62 -1.67 -9.09
N VAL A 321 -2.97 -1.53 -7.95
CA VAL A 321 -3.09 -0.32 -7.17
C VAL A 321 -1.79 0.41 -7.42
N THR A 322 -1.87 1.56 -8.09
CA THR A 322 -0.70 2.36 -8.40
C THR A 322 -0.42 3.31 -7.26
N PHE A 323 0.86 3.61 -7.05
CA PHE A 323 1.30 4.53 -6.01
C PHE A 323 2.68 5.12 -6.34
N VAL A 324 3.03 6.16 -5.60
CA VAL A 324 4.29 6.85 -5.77
C VAL A 324 5.28 6.41 -4.70
N ASP A 325 4.88 6.53 -3.42
CA ASP A 325 5.72 6.12 -2.29
C ASP A 325 4.81 5.56 -1.20
N ASN A 326 5.41 4.86 -0.24
CA ASN A 326 4.67 4.35 0.89
C ASN A 326 5.56 4.37 2.15
N HIS A 327 5.04 3.81 3.23
CA HIS A 327 5.78 3.74 4.52
C HIS A 327 7.07 2.91 4.51
N ASP A 328 7.22 2.03 3.55
CA ASP A 328 8.48 1.29 3.38
C ASP A 328 9.48 1.98 2.45
N THR A 329 9.01 2.82 1.52
CA THR A 329 9.92 3.46 0.56
C THR A 329 10.36 4.86 0.97
N GLN A 330 9.65 5.43 1.95
CA GLN A 330 9.99 6.75 2.48
C GLN A 330 11.41 6.79 3.11
N PRO A 331 11.97 7.99 3.22
CA PRO A 331 13.35 8.12 3.70
C PRO A 331 13.57 7.46 5.05
N GLY A 332 14.67 6.70 5.13
CA GLY A 332 15.07 6.00 6.32
C GLY A 332 14.54 4.59 6.47
N GLN A 333 13.54 4.20 5.67
CA GLN A 333 12.85 2.93 5.88
C GLN A 333 13.41 1.76 5.06
N SER A 334 12.87 0.57 5.32
CA SER A 334 13.54 -0.68 4.97
C SER A 334 13.61 -0.96 3.48
N LEU A 335 12.70 -0.36 2.69
CA LEU A 335 12.71 -0.52 1.23
C LEU A 335 12.93 0.87 0.57
N GLU A 336 13.72 1.70 1.24
CA GLU A 336 13.94 3.08 0.82
C GLU A 336 14.25 3.21 -0.68
N SER A 337 13.41 3.96 -1.37
CA SER A 337 13.53 4.18 -2.81
C SER A 337 12.59 5.34 -3.12
N THR A 338 12.86 6.46 -2.46
CA THR A 338 11.93 7.57 -2.42
C THR A 338 11.91 8.25 -3.78
N VAL A 339 10.72 8.58 -4.27
CA VAL A 339 10.59 9.35 -5.50
C VAL A 339 10.90 10.80 -5.14
N GLN A 340 11.98 11.33 -5.69
CA GLN A 340 12.45 12.67 -5.36
C GLN A 340 11.37 13.75 -5.51
N THR A 341 11.42 14.72 -4.61
CA THR A 341 10.42 15.80 -4.50
C THR A 341 10.03 16.45 -5.82
N TRP A 342 11.02 16.79 -6.64
CA TRP A 342 10.79 17.51 -7.89
C TRP A 342 9.91 16.69 -8.85
N PHE A 343 10.12 15.38 -8.86
CA PHE A 343 9.41 14.50 -9.78
C PHE A 343 8.05 14.04 -9.25
N LYS A 344 7.85 14.17 -7.95
CA LYS A 344 6.71 13.57 -7.28
C LYS A 344 5.36 14.00 -7.90
N PRO A 345 5.17 15.30 -8.19
CA PRO A 345 3.89 15.67 -8.82
C PRO A 345 3.68 15.08 -10.22
N LEU A 346 4.76 14.81 -10.94
CA LEU A 346 4.64 14.23 -12.29
C LEU A 346 4.17 12.79 -12.17
N ALA A 347 4.72 12.09 -11.18
CA ALA A 347 4.33 10.73 -10.85
C ALA A 347 2.85 10.69 -10.41
N TYR A 348 2.43 11.65 -9.61
CA TYR A 348 1.03 11.72 -9.21
C TYR A 348 0.10 11.97 -10.41
N ALA A 349 0.53 12.79 -11.37
CA ALA A 349 -0.28 12.98 -12.57
C ALA A 349 -0.43 11.66 -13.34
N PHE A 350 0.65 10.90 -13.46
CA PHE A 350 0.62 9.63 -14.14
C PHE A 350 -0.39 8.63 -13.53
N ILE A 351 -0.43 8.52 -12.21
CA ILE A 351 -1.33 7.56 -11.58
C ILE A 351 -2.76 8.08 -11.45
N LEU A 352 -2.91 9.39 -11.26
CA LEU A 352 -4.23 9.99 -11.00
C LEU A 352 -5.04 10.33 -12.25
N THR A 353 -4.38 10.73 -13.33
CA THR A 353 -5.13 11.22 -14.49
C THR A 353 -5.25 10.24 -15.64
N ARG A 354 -4.57 9.10 -15.55
CA ARG A 354 -4.69 8.07 -16.58
C ARG A 354 -5.79 7.08 -16.19
N GLU A 355 -6.34 6.41 -17.19
CA GLU A 355 -7.55 5.62 -17.06
C GLU A 355 -7.35 4.28 -16.35
N ALA A 356 -6.14 3.73 -16.43
CA ALA A 356 -5.83 2.41 -15.88
C ALA A 356 -5.38 2.48 -14.43
N GLY A 357 -5.75 1.47 -13.64
CA GLY A 357 -5.24 1.29 -12.30
C GLY A 357 -6.06 2.03 -11.26
N TYR A 358 -5.90 1.62 -10.01
CA TYR A 358 -6.59 2.19 -8.85
C TYR A 358 -5.50 2.96 -8.14
N PRO A 359 -5.48 4.30 -8.26
CA PRO A 359 -4.34 5.05 -7.70
C PRO A 359 -4.48 5.30 -6.22
N GLN A 360 -3.32 5.40 -5.57
CA GLN A 360 -3.26 5.63 -4.15
C GLN A 360 -2.29 6.77 -3.84
N ILE A 361 -2.81 7.70 -3.05
CA ILE A 361 -2.07 8.80 -2.49
C ILE A 361 -1.50 8.48 -1.11
N PHE A 362 -0.30 9.00 -0.86
CA PHE A 362 0.42 8.68 0.37
C PHE A 362 0.33 9.85 1.35
N TYR A 363 -0.13 9.56 2.57
CA TYR A 363 -0.16 10.53 3.67
C TYR A 363 1.16 11.29 3.81
N GLY A 364 2.27 10.57 3.77
CA GLY A 364 3.60 11.19 3.84
C GLY A 364 3.90 12.22 2.75
N ASP A 365 3.39 12.00 1.54
CA ASP A 365 3.52 12.96 0.46
C ASP A 365 2.60 14.16 0.65
N MET A 366 1.37 13.92 1.10
CA MET A 366 0.43 15.02 1.35
C MET A 366 0.90 15.94 2.45
N TYR A 367 1.23 15.33 3.59
CA TYR A 367 1.47 16.07 4.81
C TYR A 367 2.93 16.10 5.25
N GLY A 368 3.84 15.46 4.51
CA GLY A 368 5.22 15.37 4.91
C GLY A 368 5.44 14.18 5.83
N THR A 369 6.69 13.76 5.95
CA THR A 369 7.08 12.71 6.88
C THR A 369 7.80 13.34 8.07
N LYS A 370 7.69 12.73 9.25
CA LYS A 370 8.21 13.31 10.47
C LYS A 370 9.33 12.49 11.13
N GLY A 371 10.17 11.86 10.30
CA GLY A 371 11.41 11.30 10.77
C GLY A 371 12.34 12.38 11.32
N ALA A 372 13.48 11.93 11.81
CA ALA A 372 14.46 12.79 12.45
C ALA A 372 15.54 13.29 11.48
N SER A 373 15.46 12.89 10.20
CA SER A 373 16.47 13.29 9.21
C SER A 373 16.16 14.67 8.58
N GLN A 374 17.08 15.11 7.72
CA GLN A 374 16.90 16.29 6.88
C GLN A 374 16.62 15.88 5.43
N ARG A 375 16.17 14.64 5.26
CA ARG A 375 15.80 14.07 3.95
C ARG A 375 14.31 13.75 3.92
N GLU A 376 13.54 14.28 4.87
CA GLU A 376 12.13 13.93 4.97
C GLU A 376 11.39 14.45 3.73
N ILE A 377 10.27 13.79 3.41
CA ILE A 377 9.42 14.24 2.31
C ILE A 377 8.74 15.49 2.84
N PRO A 378 8.78 16.59 2.10
CA PRO A 378 8.06 17.81 2.57
C PRO A 378 6.59 17.65 2.26
N ALA A 379 5.72 18.42 2.93
CA ALA A 379 4.29 18.39 2.63
C ALA A 379 4.05 18.88 1.21
N LEU A 380 3.44 18.06 0.36
CA LEU A 380 3.18 18.43 -1.03
C LEU A 380 1.69 18.52 -1.37
N LYS A 381 0.85 18.49 -0.35
CA LYS A 381 -0.59 18.69 -0.47
C LYS A 381 -1.01 19.75 -1.53
N HIS A 382 -0.40 20.93 -1.50
CA HIS A 382 -0.83 21.98 -2.43
C HIS A 382 -0.45 21.72 -3.87
N LYS A 383 0.57 20.90 -4.11
CA LYS A 383 0.92 20.51 -5.48
C LYS A 383 0.09 19.30 -5.95
N ILE A 384 -0.36 18.47 -5.01
CA ILE A 384 -1.13 17.26 -5.32
C ILE A 384 -2.63 17.56 -5.48
N GLU A 385 -3.14 18.50 -4.68
CA GLU A 385 -4.57 18.88 -4.73
C GLU A 385 -5.14 19.15 -6.12
N PRO A 386 -4.46 19.96 -6.95
CA PRO A 386 -4.95 20.19 -8.33
C PRO A 386 -5.02 18.94 -9.20
N ILE A 387 -4.09 18.01 -8.98
CA ILE A 387 -4.02 16.76 -9.71
C ILE A 387 -5.18 15.86 -9.25
N LEU A 388 -5.47 15.86 -7.95
CA LEU A 388 -6.65 15.16 -7.40
C LEU A 388 -7.95 15.71 -7.98
N LYS A 389 -8.03 17.03 -8.08
CA LYS A 389 -9.17 17.66 -8.69
C LYS A 389 -9.31 17.26 -10.16
N ALA A 390 -8.20 17.25 -10.90
CA ALA A 390 -8.17 16.74 -12.26
C ALA A 390 -8.77 15.32 -12.36
N ARG A 391 -8.35 14.42 -11.47
CA ARG A 391 -8.94 13.07 -11.44
C ARG A 391 -10.44 13.09 -11.14
N LYS A 392 -10.80 13.81 -10.09
CA LYS A 392 -12.18 13.80 -9.62
C LYS A 392 -13.15 14.39 -10.65
N GLN A 393 -12.78 15.50 -11.27
CA GLN A 393 -13.69 16.23 -12.16
C GLN A 393 -13.43 16.07 -13.67
N TYR A 394 -12.20 15.73 -14.07
CA TYR A 394 -11.80 15.86 -15.51
C TYR A 394 -11.32 14.63 -16.21
N ALA A 395 -10.81 13.65 -15.44
CA ALA A 395 -10.15 12.47 -16.00
C ALA A 395 -11.15 11.38 -16.35
N TYR A 396 -11.87 11.59 -17.44
CA TYR A 396 -12.92 10.70 -17.92
C TYR A 396 -12.86 10.62 -19.44
N GLY A 397 -13.36 9.52 -19.98
CA GLY A 397 -13.46 9.31 -21.41
C GLY A 397 -12.21 8.73 -22.05
N ALA A 398 -12.27 8.60 -23.37
CA ALA A 398 -11.22 7.93 -24.13
C ALA A 398 -9.85 8.61 -23.90
N GLN A 399 -8.84 7.77 -23.76
CA GLN A 399 -7.48 8.21 -23.55
C GLN A 399 -6.65 8.12 -24.84
N HIS A 400 -5.78 9.09 -25.07
CA HIS A 400 -4.78 9.07 -26.15
C HIS A 400 -3.39 9.30 -25.55
N ASP A 401 -2.45 8.40 -25.84
CA ASP A 401 -1.09 8.46 -25.28
C ASP A 401 -0.11 9.08 -26.27
N TYR A 402 0.88 9.80 -25.74
CA TYR A 402 1.92 10.44 -26.53
C TYR A 402 3.25 10.22 -25.82
N PHE A 403 3.69 8.97 -25.83
CA PHE A 403 4.98 8.59 -25.22
C PHE A 403 5.91 8.38 -26.40
N ASP A 404 6.31 9.52 -26.97
CA ASP A 404 6.94 9.60 -28.30
C ASP A 404 8.23 10.42 -28.20
N HIS A 405 8.81 10.50 -27.01
CA HIS A 405 9.91 11.38 -26.74
C HIS A 405 10.55 10.90 -25.45
N HIS A 406 11.87 11.05 -25.38
CA HIS A 406 12.70 10.63 -24.26
C HIS A 406 12.34 11.36 -22.97
N ASN A 407 11.91 12.62 -23.06
CA ASN A 407 11.65 13.47 -21.88
C ASN A 407 10.18 13.89 -21.75
N ILE A 408 9.67 14.56 -22.79
CA ILE A 408 8.32 15.12 -22.76
C ILE A 408 7.35 14.08 -23.22
N VAL A 409 6.53 13.56 -22.31
CA VAL A 409 5.46 12.63 -22.67
C VAL A 409 4.14 13.17 -22.14
N GLY A 410 3.06 12.71 -22.75
CA GLY A 410 1.74 13.20 -22.38
C GLY A 410 0.63 12.24 -22.71
N TRP A 411 -0.56 12.65 -22.30
CA TRP A 411 -1.77 11.91 -22.62
C TRP A 411 -2.98 12.86 -22.51
N THR A 412 -4.06 12.47 -23.16
CA THR A 412 -5.29 13.24 -23.10
C THR A 412 -6.41 12.33 -22.68
N ARG A 413 -7.47 12.96 -22.19
CA ARG A 413 -8.74 12.29 -21.92
C ARG A 413 -9.80 13.16 -22.59
N GLU A 414 -10.63 12.51 -23.41
CA GLU A 414 -11.63 13.22 -24.20
C GLU A 414 -12.77 13.81 -23.38
N GLY A 415 -12.99 13.32 -22.16
CA GLY A 415 -14.15 13.70 -21.37
C GLY A 415 -15.28 12.71 -21.64
N ASP A 416 -16.26 12.69 -20.75
CA ASP A 416 -17.46 11.86 -20.89
C ASP A 416 -18.67 12.74 -20.66
N SER A 417 -19.74 12.52 -21.43
CA SER A 417 -20.94 13.36 -21.29
C SER A 417 -21.61 13.20 -19.91
N SER A 418 -21.38 12.08 -19.23
CA SER A 418 -21.82 11.95 -17.84
C SER A 418 -21.09 12.82 -16.78
N VAL A 419 -19.96 13.44 -17.12
CA VAL A 419 -19.29 14.37 -16.21
C VAL A 419 -19.11 15.66 -16.97
N ALA A 420 -19.90 16.66 -16.61
CA ALA A 420 -19.93 17.94 -17.30
C ALA A 420 -18.55 18.57 -17.34
N ASN A 421 -18.14 19.00 -18.53
CA ASN A 421 -16.88 19.72 -18.76
C ASN A 421 -15.63 18.88 -18.54
N SER A 422 -15.78 17.56 -18.54
CA SER A 422 -14.65 16.67 -18.32
C SER A 422 -13.78 16.64 -19.56
N GLY A 423 -12.56 16.16 -19.41
CA GLY A 423 -11.56 16.20 -20.48
C GLY A 423 -10.28 16.83 -19.95
N LEU A 424 -9.14 16.27 -20.32
CA LEU A 424 -7.86 16.86 -19.92
C LEU A 424 -6.74 16.58 -20.89
N ALA A 425 -5.69 17.38 -20.80
CA ALA A 425 -4.46 17.14 -21.54
C ALA A 425 -3.28 17.28 -20.58
N ALA A 426 -2.57 16.18 -20.31
CA ALA A 426 -1.46 16.18 -19.35
C ALA A 426 -0.12 16.07 -20.07
N LEU A 427 0.88 16.79 -19.57
CA LEU A 427 2.26 16.66 -20.02
C LEU A 427 3.16 16.61 -18.80
N ILE A 428 4.13 15.70 -18.82
CA ILE A 428 5.19 15.67 -17.84
C ILE A 428 6.54 15.59 -18.58
N THR A 429 7.58 16.10 -17.93
CA THR A 429 8.92 15.99 -18.50
C THR A 429 9.94 15.87 -17.39
N ASP A 430 10.82 14.88 -17.51
CA ASP A 430 11.95 14.74 -16.58
C ASP A 430 13.16 15.55 -17.02
N GLY A 431 13.04 16.27 -18.13
CA GLY A 431 14.13 17.12 -18.64
C GLY A 431 13.63 18.51 -19.04
N PRO A 432 14.16 19.07 -20.13
CA PRO A 432 13.67 20.35 -20.61
C PRO A 432 12.17 20.34 -21.00
N GLY A 433 11.56 21.51 -20.88
CA GLY A 433 10.19 21.71 -21.25
C GLY A 433 10.07 21.89 -22.74
N GLY A 434 8.85 22.21 -23.17
CA GLY A 434 8.58 22.39 -24.60
C GLY A 434 7.10 22.23 -24.85
N THR A 435 6.75 21.85 -26.07
CA THR A 435 5.35 21.77 -26.46
C THR A 435 5.04 20.44 -27.08
N LYS A 436 3.78 20.07 -27.03
CA LYS A 436 3.28 18.93 -27.77
C LYS A 436 1.84 19.20 -28.19
N ARG A 437 1.57 18.97 -29.47
CA ARG A 437 0.23 18.99 -29.99
C ARG A 437 -0.41 17.66 -29.67
N MET A 438 -1.59 17.69 -29.07
CA MET A 438 -2.31 16.45 -28.73
C MET A 438 -3.81 16.55 -29.04
N TYR A 439 -4.40 15.40 -29.36
CA TYR A 439 -5.81 15.29 -29.68
C TYR A 439 -6.66 15.05 -28.42
N VAL A 440 -7.62 15.94 -28.18
CA VAL A 440 -8.53 15.87 -27.02
C VAL A 440 -9.97 15.55 -27.40
N GLY A 441 -10.24 15.35 -28.69
CA GLY A 441 -11.58 15.04 -29.17
C GLY A 441 -12.19 16.23 -29.89
N ARG A 442 -12.68 16.00 -31.12
CA ARG A 442 -13.45 17.00 -31.87
C ARG A 442 -14.63 17.59 -31.09
N GLN A 443 -15.25 16.80 -30.24
CA GLN A 443 -16.31 17.30 -29.35
C GLN A 443 -15.89 18.43 -28.39
N ASN A 444 -14.58 18.64 -28.22
CA ASN A 444 -14.07 19.77 -27.44
C ASN A 444 -13.57 20.94 -28.30
N ALA A 445 -13.76 20.87 -29.62
CA ALA A 445 -13.36 21.96 -30.55
C ALA A 445 -13.87 23.32 -30.05
N GLY A 446 -13.00 24.33 -30.11
CA GLY A 446 -13.35 25.69 -29.69
C GLY A 446 -13.34 25.99 -28.20
N GLU A 447 -13.16 24.97 -27.36
CA GLU A 447 -13.11 25.22 -25.93
C GLU A 447 -11.76 25.86 -25.61
N THR A 448 -11.73 26.61 -24.52
CA THR A 448 -10.52 27.24 -24.01
C THR A 448 -10.13 26.51 -22.73
N TRP A 449 -8.93 25.94 -22.74
CA TRP A 449 -8.42 25.13 -21.63
C TRP A 449 -7.28 25.84 -20.93
N HIS A 450 -7.09 25.55 -19.65
CA HIS A 450 -6.08 26.19 -18.83
C HIS A 450 -5.44 25.13 -17.91
N ASP A 451 -4.20 25.38 -17.47
CA ASP A 451 -3.43 24.44 -16.66
C ASP A 451 -3.90 24.49 -15.21
N ILE A 452 -4.60 23.45 -14.78
CA ILE A 452 -5.16 23.37 -13.42
C ILE A 452 -4.09 23.39 -12.30
N THR A 453 -2.86 22.98 -12.61
CA THR A 453 -1.76 23.09 -11.63
C THR A 453 -1.29 24.53 -11.44
N GLY A 454 -1.54 25.41 -12.42
CA GLY A 454 -1.08 26.80 -12.35
C GLY A 454 0.39 26.96 -12.75
N ASN A 455 1.04 25.86 -13.15
CA ASN A 455 2.44 25.90 -13.53
C ASN A 455 2.65 26.71 -14.80
N ARG A 456 1.72 26.58 -15.74
CA ARG A 456 1.70 27.40 -16.96
C ARG A 456 0.50 28.34 -16.90
N SER A 457 0.69 29.59 -17.30
CA SER A 457 -0.37 30.57 -17.23
C SER A 457 -1.11 30.77 -18.56
N ASP A 458 -0.72 30.04 -19.60
CA ASP A 458 -1.29 30.27 -20.93
C ASP A 458 -2.56 29.42 -21.14
N SER A 459 -3.49 29.99 -21.90
CA SER A 459 -4.69 29.31 -22.33
C SER A 459 -4.44 28.64 -23.66
N VAL A 460 -5.17 27.55 -23.90
CA VAL A 460 -5.08 26.79 -25.13
C VAL A 460 -6.49 26.62 -25.70
N VAL A 461 -6.69 27.11 -26.92
CA VAL A 461 -7.95 26.96 -27.60
C VAL A 461 -7.84 25.71 -28.48
N ILE A 462 -8.80 24.80 -28.31
CA ILE A 462 -8.80 23.55 -29.03
C ILE A 462 -9.29 23.87 -30.42
N ASN A 463 -8.61 23.38 -31.45
CA ASN A 463 -8.98 23.72 -32.83
C ASN A 463 -10.16 22.88 -33.35
N ALA A 464 -10.63 23.16 -34.56
CA ALA A 464 -11.81 22.49 -35.13
C ALA A 464 -11.66 20.98 -35.22
N GLU A 465 -10.42 20.52 -35.39
CA GLU A 465 -10.08 19.10 -35.57
C GLU A 465 -9.82 18.39 -34.23
N GLY A 466 -9.99 19.10 -33.11
CA GLY A 466 -9.82 18.50 -31.77
C GLY A 466 -8.41 18.50 -31.19
N TRP A 467 -7.49 19.25 -31.79
CA TRP A 467 -6.11 19.35 -31.30
C TRP A 467 -5.81 20.67 -30.60
N GLY A 468 -4.96 20.59 -29.60
CA GLY A 468 -4.44 21.76 -28.91
C GLY A 468 -2.95 21.68 -28.86
N GLU A 469 -2.32 22.86 -28.78
CA GLU A 469 -0.88 22.96 -28.59
C GLU A 469 -0.59 23.23 -27.12
N PHE A 470 -0.09 22.22 -26.42
CA PHE A 470 0.08 22.28 -24.98
C PHE A 470 1.53 22.45 -24.60
N HIS A 471 1.76 23.16 -23.50
CA HIS A 471 3.10 23.47 -23.03
C HIS A 471 3.37 22.86 -21.66
N VAL A 472 4.64 22.59 -21.42
CA VAL A 472 5.11 22.18 -20.10
C VAL A 472 6.46 22.81 -19.82
N ASN A 473 6.69 23.22 -18.58
CA ASN A 473 7.96 23.76 -18.14
C ASN A 473 8.98 22.64 -17.86
N GLY A 474 10.25 23.01 -17.77
CA GLY A 474 11.32 22.03 -17.46
C GLY A 474 11.05 21.31 -16.15
N GLY A 475 11.27 20.00 -16.12
CA GLY A 475 11.08 19.17 -14.91
C GLY A 475 9.72 19.26 -14.27
N SER A 476 8.67 19.45 -15.07
CA SER A 476 7.38 19.89 -14.55
C SER A 476 6.21 19.08 -15.08
N VAL A 477 5.02 19.48 -14.65
CA VAL A 477 3.77 18.89 -15.06
C VAL A 477 2.78 20.02 -15.38
N SER A 478 2.00 19.85 -16.44
CA SER A 478 0.85 20.70 -16.69
C SER A 478 -0.34 19.83 -17.05
N ILE A 479 -1.51 20.18 -16.53
CA ILE A 479 -2.74 19.44 -16.81
C ILE A 479 -3.78 20.44 -17.22
N TYR A 480 -4.03 20.50 -18.53
CA TYR A 480 -5.00 21.44 -19.07
C TYR A 480 -6.40 20.86 -19.04
N VAL A 481 -7.36 21.68 -18.64
CA VAL A 481 -8.76 21.31 -18.55
C VAL A 481 -9.58 22.52 -18.97
N GLN A 482 -10.86 22.33 -19.24
CA GLN A 482 -11.71 23.44 -19.65
C GLN A 482 -11.88 24.51 -18.54
N ARG A 483 -11.63 25.77 -18.90
CA ARG A 483 -11.94 26.93 -18.04
C ARG A 483 -13.42 26.90 -17.67
#